data_6I8B
#
_entry.id   6I8B
#
_cell.length_a   111.875
_cell.length_b   118.583
_cell.length_c   43.808
_cell.angle_alpha   90.000
_cell.angle_beta   90.000
_cell.angle_gamma   90.000
#
_symmetry.space_group_name_H-M   'P 21 21 21'
#
loop_
_entity.id
_entity.type
_entity.pdbx_description
1 polymer Spindlin-1
2 non-polymer 2-[4-[2-[[2-[3-[2-azanyl-5-(cyclopropylmethoxy)-3,3-dimethyl-indol-6-yl]oxypropyl]-1,3-dihydroisoindol-5-yl]oxy]ethyl]-1,2,3-triazol-1-yl]-1-[4-(2-pyrrolidin-1-ylethyl)piperidin-1-yl]ethanone
3 non-polymer 'DIMETHYL SULFOXIDE'
4 non-polymer GLYCINE
5 non-polymer 'PHOSPHATE ION'
6 water water
#
_entity_poly.entity_id   1
_entity_poly.type   'polypeptide(L)'
_entity_poly.pdbx_seq_one_letter_code
;MPRRNIVGCRIQHGWKEGNGPVTQWKGTVLDQVPVNPSLYLIKYDGFDCVYGLELNKDERVSALEVLPDRVATSRISDAH
LADTMIGKAVEHMFETEDGSKDEWRGMVLARAPVMNTWFYITYEKDPVLYMYQLLDDYKEGDLRIMPDSNDSPPAEREPG
EVVDSLVGKQVEYAKEDGSKRTGMVIHQVEAKPSVYFIKFDDDFHIYVYDLVKTSAENLYFQ
;
_entity_poly.pdbx_strand_id   B,E
#
loop_
_chem_comp.id
_chem_comp.type
_chem_comp.name
_chem_comp.formula
DMS non-polymer 'DIMETHYL SULFOXIDE' 'C2 H6 O S'
H7T non-polymer 2-[4-[2-[[2-[3-[2-azanyl-5-(cyclopropylmethoxy)-3,3-dimethyl-indol-6-yl]oxypropyl]-1,3-dihydroisoindol-5-yl]oxy]ethyl]-1,2,3-triazol-1-yl]-1-[4-(2-pyrrolidin-1-ylethyl)piperidin-1-yl]ethanone 'C42 H58 N8 O4'
PO4 non-polymer 'PHOSPHATE ION' 'O4 P -3'
#
# COMPACT_ATOMS: atom_id res chain seq x y z
N ARG A 3 2.56 6.76 -3.89
CA ARG A 3 3.02 5.98 -5.04
C ARG A 3 2.46 4.56 -4.99
N ARG A 4 1.91 4.17 -3.84
CA ARG A 4 1.33 2.85 -3.68
C ARG A 4 -0.13 2.83 -4.13
N ASN A 5 -0.53 1.74 -4.78
CA ASN A 5 -1.92 1.48 -5.06
C ASN A 5 -2.45 0.41 -4.10
N ILE A 6 -2.13 -0.84 -4.39
CA ILE A 6 -2.48 -1.97 -3.54
C ILE A 6 -1.25 -2.74 -3.08
N VAL A 7 -0.30 -2.96 -3.97
CA VAL A 7 0.93 -3.66 -3.58
C VAL A 7 1.70 -2.82 -2.58
N GLY A 8 2.18 -3.45 -1.53
CA GLY A 8 2.87 -2.76 -0.47
C GLY A 8 1.98 -2.28 0.65
N CYS A 9 0.66 -2.31 0.46
CA CYS A 9 -0.29 -1.92 1.50
C CYS A 9 -0.61 -3.10 2.40
N ARG A 10 -0.99 -2.78 3.63
CA ARG A 10 -1.60 -3.76 4.50
C ARG A 10 -3.09 -3.75 4.22
N ILE A 11 -3.72 -4.92 4.27
CA ILE A 11 -5.12 -5.06 3.92
C ILE A 11 -5.82 -5.88 4.99
N GLN A 12 -7.13 -5.75 5.03
CA GLN A 12 -8.02 -6.60 5.80
C GLN A 12 -9.18 -7.02 4.91
N HIS A 13 -9.65 -8.24 5.11
CA HIS A 13 -10.85 -8.67 4.40
C HIS A 13 -11.48 -9.83 5.15
N GLY A 14 -12.75 -10.07 4.84
CA GLY A 14 -13.40 -11.27 5.29
C GLY A 14 -13.19 -12.41 4.33
N TRP A 15 -13.41 -13.61 4.85
CA TRP A 15 -13.23 -14.83 4.06
C TRP A 15 -14.33 -15.80 4.43
N LYS A 16 -14.94 -16.41 3.41
CA LYS A 16 -16.11 -17.26 3.60
C LYS A 16 -16.09 -18.39 2.58
N GLU A 17 -16.06 -19.63 3.06
CA GLU A 17 -16.18 -20.81 2.22
C GLU A 17 -17.56 -21.42 2.40
N GLY A 18 -18.26 -21.66 1.30
CA GLY A 18 -19.61 -22.21 1.39
C GLY A 18 -20.53 -21.24 2.11
N ASN A 19 -21.38 -21.77 2.99
CA ASN A 19 -22.16 -20.96 3.90
C ASN A 19 -21.55 -20.91 5.30
N GLY A 20 -20.26 -21.24 5.41
CA GLY A 20 -19.59 -21.26 6.68
C GLY A 20 -19.46 -19.87 7.26
N PRO A 21 -18.82 -19.78 8.43
CA PRO A 21 -18.68 -18.48 9.07
C PRO A 21 -17.66 -17.62 8.33
N VAL A 22 -17.88 -16.32 8.41
CA VAL A 22 -16.94 -15.35 7.87
C VAL A 22 -15.83 -15.13 8.89
N THR A 23 -14.58 -15.29 8.46
CA THR A 23 -13.42 -15.00 9.28
C THR A 23 -12.71 -13.77 8.76
N GLN A 24 -12.07 -13.04 9.67
CA GLN A 24 -11.38 -11.79 9.36
C GLN A 24 -9.88 -12.04 9.27
N TRP A 25 -9.26 -11.44 8.27
CA TRP A 25 -7.86 -11.67 7.97
C TRP A 25 -7.17 -10.34 7.74
N LYS A 26 -5.95 -10.22 8.27
CA LYS A 26 -5.13 -9.03 8.10
C LYS A 26 -3.79 -9.45 7.50
N GLY A 27 -3.29 -8.69 6.55
CA GLY A 27 -2.08 -9.10 5.88
C GLY A 27 -1.41 -7.98 5.13
N THR A 28 -0.39 -8.35 4.37
CA THR A 28 0.40 -7.41 3.58
C THR A 28 0.46 -7.93 2.17
N VAL A 29 0.13 -7.07 1.20
CA VAL A 29 0.19 -7.44 -0.21
C VAL A 29 1.63 -7.33 -0.67
N LEU A 30 2.22 -8.47 -1.08
CA LEU A 30 3.63 -8.51 -1.45
C LEU A 30 3.88 -8.19 -2.91
N ASP A 31 2.94 -8.53 -3.79
CA ASP A 31 3.24 -8.52 -5.21
C ASP A 31 1.95 -8.67 -6.00
N GLN A 32 1.93 -8.05 -7.17
CA GLN A 32 0.93 -8.27 -8.20
C GLN A 32 1.64 -8.97 -9.35
N VAL A 33 1.21 -10.18 -9.66
CA VAL A 33 1.98 -11.08 -10.54
C VAL A 33 1.97 -10.56 -11.97
N PRO A 34 3.14 -10.27 -12.55
CA PRO A 34 3.14 -9.69 -13.92
C PRO A 34 2.40 -10.53 -14.95
N VAL A 35 2.62 -11.84 -14.99
CA VAL A 35 1.96 -12.65 -16.02
C VAL A 35 0.49 -12.88 -15.72
N ASN A 36 0.01 -12.48 -14.55
CA ASN A 36 -1.42 -12.52 -14.23
C ASN A 36 -1.72 -11.38 -13.27
N PRO A 37 -2.02 -10.18 -13.79
CA PRO A 37 -2.26 -9.03 -12.90
C PRO A 37 -3.45 -9.19 -11.97
N SER A 38 -4.32 -10.18 -12.18
CA SER A 38 -5.39 -10.42 -11.22
C SER A 38 -4.88 -11.08 -9.96
N LEU A 39 -3.69 -11.67 -9.99
CA LEU A 39 -3.17 -12.48 -8.90
C LEU A 39 -2.27 -11.63 -8.00
N TYR A 40 -2.64 -11.54 -6.72
CA TYR A 40 -1.83 -10.88 -5.70
C TYR A 40 -1.30 -11.90 -4.71
N LEU A 41 -0.02 -11.75 -4.35
CA LEU A 41 0.59 -12.57 -3.31
C LEU A 41 0.49 -11.84 -1.98
N ILE A 42 0.07 -12.57 -0.94
CA ILE A 42 -0.29 -11.96 0.34
C ILE A 42 0.40 -12.72 1.47
N LYS A 43 0.91 -11.97 2.45
CA LYS A 43 1.43 -12.52 3.69
C LYS A 43 0.49 -12.10 4.80
N TYR A 44 -0.22 -13.06 5.39
CA TYR A 44 -1.15 -12.78 6.47
C TYR A 44 -0.39 -12.77 7.79
N ASP A 45 -0.69 -11.79 8.64
CA ASP A 45 -0.04 -11.67 9.94
C ASP A 45 -0.11 -13.00 10.69
N GLY A 46 1.04 -13.46 11.19
CA GLY A 46 1.09 -14.65 12.01
C GLY A 46 1.05 -15.96 11.26
N PHE A 47 0.87 -15.93 9.93
CA PHE A 47 0.88 -17.13 9.12
C PHE A 47 2.07 -17.07 8.17
N ASP A 48 2.76 -18.20 8.03
CA ASP A 48 4.09 -18.23 7.45
C ASP A 48 4.10 -18.48 5.94
N CYS A 49 3.04 -19.04 5.36
CA CYS A 49 3.01 -19.25 3.92
C CYS A 49 2.67 -17.96 3.18
N VAL A 50 3.10 -17.90 1.91
CA VAL A 50 2.67 -16.86 0.99
C VAL A 50 1.47 -17.38 0.22
N TYR A 51 0.40 -16.61 0.19
CA TYR A 51 -0.84 -17.02 -0.46
C TYR A 51 -1.08 -16.18 -1.69
N GLY A 52 -1.68 -16.81 -2.70
CA GLY A 52 -2.12 -16.11 -3.91
C GLY A 52 -3.63 -16.08 -3.97
N LEU A 53 -4.17 -14.87 -4.13
CA LEU A 53 -5.59 -14.67 -4.33
C LEU A 53 -5.83 -13.79 -5.54
N GLU A 54 -6.79 -14.19 -6.37
CA GLU A 54 -7.27 -13.33 -7.45
C GLU A 54 -8.38 -12.46 -6.86
N LEU A 55 -7.97 -11.34 -6.28
CA LEU A 55 -8.85 -10.58 -5.40
C LEU A 55 -10.07 -10.05 -6.14
N ASN A 56 -9.90 -9.66 -7.40
CA ASN A 56 -10.97 -9.00 -8.16
C ASN A 56 -12.08 -9.94 -8.59
N LYS A 57 -11.96 -11.24 -8.36
CA LYS A 57 -13.00 -12.17 -8.76
C LYS A 57 -13.24 -13.33 -7.81
N ASP A 58 -12.48 -13.44 -6.72
CA ASP A 58 -12.67 -14.52 -5.76
C ASP A 58 -13.89 -14.17 -4.89
N GLU A 59 -14.99 -14.90 -5.09
CA GLU A 59 -16.23 -14.65 -4.37
C GLU A 59 -16.09 -14.85 -2.87
N ARG A 60 -15.03 -15.51 -2.42
CA ARG A 60 -14.85 -15.78 -0.99
C ARG A 60 -14.34 -14.56 -0.23
N VAL A 61 -13.85 -13.56 -0.95
CA VAL A 61 -13.31 -12.35 -0.34
C VAL A 61 -14.43 -11.34 -0.18
N SER A 62 -14.54 -10.77 1.02
CA SER A 62 -15.52 -9.72 1.29
C SER A 62 -14.87 -8.57 2.04
N ALA A 63 -15.46 -7.38 1.89
CA ALA A 63 -15.13 -6.22 2.71
C ALA A 63 -13.63 -5.91 2.67
N LEU A 64 -13.05 -5.98 1.47
CA LEU A 64 -11.64 -5.67 1.30
C LEU A 64 -11.41 -4.19 1.60
N GLU A 65 -10.45 -3.91 2.47
CA GLU A 65 -10.08 -2.54 2.80
C GLU A 65 -8.58 -2.45 3.00
N VAL A 66 -8.05 -1.26 2.75
CA VAL A 66 -6.64 -0.96 2.99
C VAL A 66 -6.52 -0.49 4.43
N LEU A 67 -5.55 -1.02 5.13
CA LEU A 67 -5.28 -0.60 6.49
C LEU A 67 -4.17 0.45 6.50
N PRO A 68 -4.29 1.50 7.31
CA PRO A 68 -3.21 2.48 7.38
C PRO A 68 -1.93 1.83 7.91
N ASP A 69 -0.79 2.30 7.40
CA ASP A 69 0.48 1.96 8.04
C ASP A 69 0.52 2.55 9.44
N ARG A 70 0.90 1.73 10.41
CA ARG A 70 1.06 2.25 11.77
C ARG A 70 2.40 2.99 11.92
N VAL A 71 3.42 2.56 11.17
CA VAL A 71 4.75 3.16 11.24
C VAL A 71 5.30 3.33 9.83
N ALA A 72 6.24 4.25 9.70
CA ALA A 72 6.89 4.51 8.43
C ALA A 72 8.04 3.54 8.20
N THR A 73 8.28 3.21 6.94
CA THR A 73 9.35 2.31 6.58
C THR A 73 10.70 3.00 6.77
N HIS A 80 20.70 -6.74 2.80
CA HIS A 80 22.01 -6.51 2.23
C HIS A 80 22.99 -7.63 2.57
N LEU A 81 23.51 -7.60 3.80
CA LEU A 81 24.60 -8.49 4.17
C LEU A 81 24.21 -9.96 4.08
N ALA A 82 22.98 -10.29 4.49
CA ALA A 82 22.53 -11.67 4.48
C ALA A 82 22.07 -12.15 3.11
N ASP A 83 22.29 -11.35 2.05
CA ASP A 83 22.06 -11.84 0.69
C ASP A 83 22.75 -13.17 0.46
N THR A 84 23.92 -13.37 1.09
CA THR A 84 24.68 -14.61 0.91
C THR A 84 23.84 -15.85 1.20
N MET A 85 22.73 -15.72 1.93
CA MET A 85 21.87 -16.86 2.20
C MET A 85 21.13 -17.34 0.95
N ILE A 86 20.86 -16.45 0.00
CA ILE A 86 19.97 -16.80 -1.10
C ILE A 86 20.57 -17.95 -1.89
N GLY A 87 19.76 -18.98 -2.14
CA GLY A 87 20.21 -20.15 -2.86
C GLY A 87 20.83 -21.23 -2.00
N LYS A 88 21.03 -20.95 -0.71
CA LYS A 88 21.69 -21.91 0.17
C LYS A 88 20.70 -22.95 0.66
N ALA A 89 21.14 -24.20 0.69
CA ALA A 89 20.42 -25.24 1.42
C ALA A 89 20.58 -24.99 2.91
N VAL A 90 19.50 -25.17 3.67
CA VAL A 90 19.50 -24.83 5.08
C VAL A 90 18.74 -25.88 5.88
N GLU A 91 19.00 -25.87 7.19
CA GLU A 91 18.23 -26.63 8.15
C GLU A 91 17.63 -25.62 9.12
N HIS A 92 16.32 -25.57 9.16
CA HIS A 92 15.57 -24.52 9.85
C HIS A 92 14.86 -25.18 11.05
N MET A 93 15.31 -24.86 12.25
CA MET A 93 14.77 -25.47 13.45
C MET A 93 13.57 -24.66 13.94
N PHE A 94 12.67 -25.33 14.66
CA PHE A 94 11.48 -24.67 15.16
C PHE A 94 11.00 -25.41 16.41
N GLU A 95 10.30 -24.68 17.27
CA GLU A 95 9.77 -25.25 18.50
C GLU A 95 8.49 -26.00 18.19
N THR A 96 8.41 -27.26 18.61
CA THR A 96 7.26 -28.10 18.29
C THR A 96 5.96 -27.47 18.78
N ASP A 98 4.86 -28.06 22.81
CA ASP A 98 4.83 -29.43 23.31
C ASP A 98 6.21 -29.87 23.80
N GLY A 99 7.12 -28.90 23.94
CA GLY A 99 8.46 -29.17 24.37
C GLY A 99 9.45 -29.34 23.23
N SER A 100 9.44 -30.54 22.62
CA SER A 100 10.50 -30.93 21.69
C SER A 100 10.69 -29.92 20.58
N LYS A 101 11.93 -29.84 20.09
CA LYS A 101 12.29 -29.06 18.91
C LYS A 101 12.44 -29.99 17.72
N ASP A 102 12.20 -29.45 16.53
CA ASP A 102 12.27 -30.22 15.30
C ASP A 102 12.98 -29.35 14.25
N GLU A 103 13.13 -29.90 13.05
CA GLU A 103 13.80 -29.17 11.99
C GLU A 103 13.25 -29.61 10.64
N TRP A 104 13.19 -28.66 9.71
CA TRP A 104 12.91 -28.97 8.32
C TRP A 104 14.10 -28.50 7.49
N ARG A 105 14.47 -29.28 6.49
CA ARG A 105 15.51 -28.86 5.55
C ARG A 105 14.85 -28.30 4.30
N GLY A 106 15.44 -27.22 3.79
CA GLY A 106 14.90 -26.53 2.65
C GLY A 106 15.95 -25.70 1.95
N MET A 107 15.47 -24.72 1.21
CA MET A 107 16.33 -23.87 0.40
C MET A 107 15.83 -22.44 0.48
N VAL A 108 16.74 -21.51 0.74
CA VAL A 108 16.40 -20.10 0.70
C VAL A 108 16.29 -19.67 -0.75
N LEU A 109 15.17 -19.10 -1.12
CA LEU A 109 14.86 -18.86 -2.53
C LEU A 109 15.20 -17.44 -2.97
N ALA A 110 14.88 -16.45 -2.15
CA ALA A 110 15.04 -15.06 -2.53
C ALA A 110 14.68 -14.19 -1.34
N ARG A 111 15.07 -12.92 -1.42
CA ARG A 111 14.56 -11.94 -0.49
C ARG A 111 13.12 -11.60 -0.82
N ALA A 112 12.30 -11.37 0.23
CA ALA A 112 10.89 -11.11 0.01
C ALA A 112 10.68 -9.69 -0.51
N PRO A 113 9.67 -9.49 -1.39
CA PRO A 113 9.52 -8.20 -2.10
C PRO A 113 9.38 -6.94 -1.25
N VAL A 114 8.38 -6.89 -0.39
CA VAL A 114 7.92 -5.64 0.21
C VAL A 114 8.34 -5.54 1.67
N MET A 115 8.26 -6.63 2.40
CA MET A 115 8.71 -6.66 3.79
C MET A 115 10.21 -6.93 3.75
N ASN A 116 11.00 -5.85 3.87
CA ASN A 116 12.40 -5.87 3.46
C ASN A 116 13.19 -7.00 4.09
N THR A 117 13.00 -7.22 5.41
CA THR A 117 13.88 -8.08 6.19
C THR A 117 13.47 -9.55 6.15
N TRP A 118 12.71 -9.98 5.15
CA TRP A 118 12.19 -11.33 5.10
C TRP A 118 12.72 -12.05 3.88
N PHE A 119 12.60 -13.38 3.89
CA PHE A 119 13.12 -14.22 2.83
C PHE A 119 12.08 -15.25 2.42
N TYR A 120 11.99 -15.47 1.10
CA TYR A 120 11.27 -16.62 0.58
C TYR A 120 12.08 -17.89 0.82
N ILE A 121 11.40 -18.94 1.26
CA ILE A 121 12.04 -20.22 1.52
C ILE A 121 11.00 -21.30 1.29
N THR A 122 11.46 -22.50 0.90
CA THR A 122 10.59 -23.65 0.77
C THR A 122 11.30 -24.86 1.35
N TYR A 123 10.56 -25.97 1.48
CA TYR A 123 11.04 -27.14 2.22
C TYR A 123 10.66 -28.43 1.52
N GLU A 124 11.50 -29.47 1.69
CA GLU A 124 11.18 -30.75 1.08
C GLU A 124 9.90 -31.33 1.67
N LYS A 125 9.69 -31.15 2.98
CA LYS A 125 8.50 -31.69 3.62
C LYS A 125 7.23 -30.91 3.31
N ASP A 126 7.36 -29.70 2.77
CA ASP A 126 6.20 -28.90 2.36
C ASP A 126 6.65 -27.94 1.26
N PRO A 127 6.66 -28.39 0.01
CA PRO A 127 7.26 -27.61 -1.09
C PRO A 127 6.35 -26.50 -1.61
N VAL A 128 5.83 -25.69 -0.70
CA VAL A 128 5.11 -24.49 -1.04
C VAL A 128 5.92 -23.30 -0.54
N LEU A 129 5.50 -22.11 -0.94
CA LEU A 129 6.26 -20.89 -0.65
C LEU A 129 6.00 -20.41 0.78
N TYR A 130 7.06 -20.36 1.58
CA TYR A 130 7.08 -19.80 2.93
C TYR A 130 7.87 -18.50 2.97
N MET A 131 7.68 -17.76 4.06
CA MET A 131 8.31 -16.47 4.25
C MET A 131 8.67 -16.30 5.72
N TYR A 132 9.95 -16.07 6.03
CA TYR A 132 10.43 -15.97 7.41
C TYR A 132 11.51 -14.89 7.54
N GLN A 133 11.67 -14.40 8.76
CA GLN A 133 12.77 -13.49 9.09
C GLN A 133 14.00 -14.35 9.43
N LEU A 134 14.67 -14.82 8.38
CA LEU A 134 15.70 -15.85 8.55
C LEU A 134 16.95 -15.32 9.22
N LEU A 135 17.24 -14.03 9.09
CA LEU A 135 18.43 -13.51 9.74
C LEU A 135 18.26 -13.54 11.26
N ASP A 136 17.08 -13.15 11.76
CA ASP A 136 16.77 -13.31 13.17
C ASP A 136 16.92 -14.76 13.59
N ASP A 137 16.25 -15.67 12.86
CA ASP A 137 16.36 -17.09 13.19
C ASP A 137 17.81 -17.54 13.20
N TYR A 138 18.62 -17.04 12.26
CA TYR A 138 20.03 -17.40 12.25
C TYR A 138 20.72 -16.92 13.53
N LYS A 139 20.47 -15.68 13.93
CA LYS A 139 21.12 -15.14 15.12
C LYS A 139 20.71 -15.89 16.38
N GLU A 140 19.51 -16.47 16.39
CA GLU A 140 19.03 -17.23 17.53
C GLU A 140 19.50 -18.68 17.51
N GLY A 141 20.26 -19.08 16.50
CA GLY A 141 20.77 -20.43 16.44
C GLY A 141 19.78 -21.42 15.89
N ASP A 142 18.77 -20.97 15.16
CA ASP A 142 17.75 -21.85 14.60
C ASP A 142 17.87 -21.99 13.08
N LEU A 143 18.96 -21.53 12.48
CA LEU A 143 19.16 -21.67 11.03
C LEU A 143 20.59 -22.10 10.76
N ARG A 144 20.76 -23.34 10.33
CA ARG A 144 22.04 -23.88 9.93
C ARG A 144 22.17 -23.77 8.40
N ILE A 145 23.24 -23.15 7.94
CA ILE A 145 23.52 -23.05 6.51
C ILE A 145 24.42 -24.22 6.11
N MET A 146 24.02 -24.96 5.08
CA MET A 146 24.77 -26.12 4.65
C MET A 146 25.92 -25.70 3.72
N PRO A 147 27.04 -26.42 3.76
CA PRO A 147 28.13 -26.09 2.84
C PRO A 147 27.69 -26.25 1.40
N ASP A 148 28.26 -25.41 0.53
CA ASP A 148 27.91 -25.43 -0.88
C ASP A 148 28.92 -26.24 -1.69
N SER A 165 11.02 -17.36 -20.78
CA SER A 165 11.21 -18.68 -20.19
C SER A 165 9.87 -19.40 -20.08
N LEU A 166 9.74 -20.30 -19.09
CA LEU A 166 8.46 -20.94 -18.83
C LEU A 166 7.49 -20.06 -18.07
N VAL A 167 7.93 -18.90 -17.58
CA VAL A 167 7.03 -18.03 -16.83
C VAL A 167 5.90 -17.59 -17.75
N GLY A 168 4.68 -17.65 -17.22
CA GLY A 168 3.51 -17.32 -18.00
C GLY A 168 2.89 -18.49 -18.73
N LYS A 169 3.59 -19.63 -18.81
CA LYS A 169 3.06 -20.79 -19.50
C LYS A 169 2.04 -21.51 -18.63
N GLN A 170 1.05 -22.12 -19.29
CA GLN A 170 0.10 -22.96 -18.60
C GLN A 170 0.76 -24.27 -18.22
N VAL A 171 0.34 -24.83 -17.10
CA VAL A 171 0.88 -26.09 -16.61
C VAL A 171 -0.28 -26.97 -16.22
N GLU A 172 -0.10 -28.28 -16.39
CA GLU A 172 -1.04 -29.25 -15.86
C GLU A 172 -0.26 -30.42 -15.31
N TYR A 173 -0.84 -31.11 -14.33
CA TYR A 173 -0.35 -32.44 -14.03
C TYR A 173 -1.53 -33.37 -13.77
N ALA A 174 -1.32 -34.65 -14.07
CA ALA A 174 -2.29 -35.70 -13.80
C ALA A 174 -1.57 -37.05 -13.87
N GLY A 178 -4.76 -38.04 -9.12
CA GLY A 178 -4.13 -36.87 -9.71
C GLY A 178 -4.92 -36.34 -10.89
N SER A 179 -6.19 -35.99 -10.64
CA SER A 179 -7.08 -35.46 -11.67
C SER A 179 -6.41 -34.29 -12.38
N LYS A 180 -6.95 -33.88 -13.54
CA LYS A 180 -6.27 -32.84 -14.32
C LYS A 180 -6.29 -31.54 -13.55
N ARG A 181 -5.18 -31.25 -12.88
CA ARG A 181 -5.00 -30.02 -12.13
C ARG A 181 -4.26 -29.02 -13.00
N THR A 182 -4.80 -27.81 -13.14
CA THR A 182 -4.28 -26.81 -14.06
C THR A 182 -3.86 -25.55 -13.33
N GLY A 183 -2.81 -24.90 -13.83
CA GLY A 183 -2.36 -23.65 -13.27
C GLY A 183 -1.46 -22.90 -14.22
N MET A 184 -0.60 -22.05 -13.64
CA MET A 184 0.28 -21.19 -14.41
C MET A 184 1.63 -21.07 -13.71
N VAL A 185 2.70 -20.99 -14.49
CA VAL A 185 4.02 -20.68 -13.96
C VAL A 185 4.10 -19.17 -13.76
N ILE A 186 4.32 -18.73 -12.51
CA ILE A 186 4.29 -17.30 -12.22
C ILE A 186 5.67 -16.71 -11.94
N HIS A 187 6.69 -17.53 -11.72
CA HIS A 187 8.00 -16.96 -11.42
C HIS A 187 9.07 -18.02 -11.61
N GLN A 188 10.25 -17.54 -11.99
CA GLN A 188 11.45 -18.37 -12.03
C GLN A 188 12.42 -17.87 -10.97
N VAL A 189 13.03 -18.79 -10.24
CA VAL A 189 13.94 -18.43 -9.15
C VAL A 189 15.27 -18.02 -9.77
N GLU A 190 15.63 -16.74 -9.59
CA GLU A 190 16.85 -16.21 -10.18
C GLU A 190 18.09 -16.97 -9.69
N ALA A 191 18.11 -17.33 -8.40
CA ALA A 191 19.28 -17.99 -7.83
C ALA A 191 19.40 -19.45 -8.26
N LYS A 192 18.33 -20.04 -8.79
CA LYS A 192 18.31 -21.44 -9.19
C LYS A 192 17.35 -21.59 -10.36
N PRO A 193 17.82 -21.36 -11.59
CA PRO A 193 16.89 -21.17 -12.72
C PRO A 193 16.01 -22.37 -13.06
N SER A 194 16.31 -23.57 -12.56
CA SER A 194 15.42 -24.69 -12.81
C SER A 194 14.25 -24.74 -11.85
N VAL A 195 14.21 -23.84 -10.87
CA VAL A 195 13.16 -23.80 -9.85
C VAL A 195 12.15 -22.73 -10.23
N TYR A 196 10.86 -23.08 -10.16
CA TYR A 196 9.78 -22.20 -10.57
C TYR A 196 8.69 -22.18 -9.50
N PHE A 197 7.90 -21.11 -9.51
CA PHE A 197 6.69 -21.01 -8.72
C PHE A 197 5.47 -21.25 -9.60
N ILE A 198 4.51 -22.03 -9.09
CA ILE A 198 3.30 -22.36 -9.84
C ILE A 198 2.07 -22.06 -8.99
N LYS A 199 1.11 -21.36 -9.58
CA LYS A 199 -0.20 -21.14 -8.97
C LYS A 199 -1.21 -22.04 -9.67
N PHE A 200 -1.75 -23.00 -8.93
CA PHE A 200 -2.80 -23.86 -9.45
C PHE A 200 -4.15 -23.18 -9.23
N ASP A 201 -5.06 -23.38 -10.18
CA ASP A 201 -6.36 -22.71 -10.16
C ASP A 201 -7.17 -23.08 -8.92
N ASP A 202 -6.96 -24.27 -8.36
CA ASP A 202 -7.84 -24.80 -7.32
C ASP A 202 -7.31 -24.57 -5.90
N ASP A 203 -6.30 -23.74 -5.72
CA ASP A 203 -5.70 -23.60 -4.39
C ASP A 203 -4.96 -22.28 -4.28
N PHE A 204 -4.83 -21.80 -3.04
CA PHE A 204 -4.23 -20.49 -2.78
C PHE A 204 -2.78 -20.56 -2.33
N HIS A 205 -2.18 -21.75 -2.21
CA HIS A 205 -0.75 -21.82 -1.96
C HIS A 205 0.03 -21.56 -3.26
N ILE A 206 1.31 -21.24 -3.10
CA ILE A 206 2.24 -21.08 -4.22
C ILE A 206 3.17 -22.28 -4.18
N TYR A 207 3.13 -23.10 -5.23
CA TYR A 207 3.90 -24.33 -5.27
C TYR A 207 5.26 -24.09 -5.91
N VAL A 208 6.29 -24.68 -5.29
CA VAL A 208 7.66 -24.53 -5.76
C VAL A 208 8.12 -25.90 -6.25
N TYR A 209 8.77 -25.91 -7.42
CA TYR A 209 9.23 -27.13 -8.06
C TYR A 209 10.59 -26.91 -8.68
N ASP A 210 11.46 -27.91 -8.54
CA ASP A 210 12.69 -28.00 -9.30
C ASP A 210 12.42 -28.97 -10.43
N LEU A 211 12.32 -28.45 -11.66
CA LEU A 211 11.81 -29.23 -12.79
C LEU A 211 12.65 -30.45 -13.14
N VAL A 212 13.87 -30.57 -12.61
CA VAL A 212 14.67 -31.76 -12.89
C VAL A 212 14.44 -32.87 -11.87
N LYS A 213 13.70 -32.61 -10.80
CA LYS A 213 13.55 -33.58 -9.73
C LYS A 213 12.25 -34.37 -9.89
N THR A 214 12.15 -35.45 -9.12
CA THR A 214 10.99 -36.33 -9.20
C THR A 214 9.70 -35.58 -8.89
N SER A 215 9.74 -34.62 -7.96
CA SER A 215 8.52 -33.90 -7.59
C SER A 215 7.88 -33.22 -8.80
N ALA A 216 8.64 -32.94 -9.85
CA ALA A 216 8.12 -32.24 -11.03
C ALA A 216 7.82 -33.16 -12.20
N GLU A 217 8.04 -34.47 -12.06
CA GLU A 217 8.04 -35.34 -13.23
C GLU A 217 6.66 -35.50 -13.87
N ASN A 218 5.59 -35.06 -13.21
CA ASN A 218 4.26 -35.14 -13.79
C ASN A 218 3.72 -33.78 -14.21
N LEU A 219 4.59 -32.78 -14.30
CA LEU A 219 4.18 -31.46 -14.75
C LEU A 219 4.43 -31.33 -16.26
N TYR A 220 3.43 -30.82 -16.98
CA TYR A 220 3.52 -30.60 -18.42
C TYR A 220 3.09 -29.17 -18.73
N PHE A 221 3.72 -28.57 -19.74
CA PHE A 221 3.60 -27.13 -19.98
C PHE A 221 3.07 -26.84 -21.38
N GLN A 222 2.50 -25.66 -21.54
CA GLN A 222 1.98 -25.24 -22.84
C GLN A 222 2.05 -23.72 -23.02
N ASN B 5 -26.80 19.04 1.01
CA ASN B 5 -25.45 19.11 0.46
C ASN B 5 -24.55 18.15 1.23
N ILE B 6 -23.69 17.43 0.50
CA ILE B 6 -22.90 16.36 1.12
C ILE B 6 -21.73 16.89 1.93
N VAL B 7 -21.39 18.18 1.81
CA VAL B 7 -20.30 18.72 2.60
C VAL B 7 -20.62 18.59 4.07
N GLY B 8 -19.65 18.13 4.86
CA GLY B 8 -19.85 17.93 6.27
C GLY B 8 -20.34 16.56 6.66
N CYS B 9 -20.82 15.77 5.70
CA CYS B 9 -21.28 14.43 5.98
C CYS B 9 -20.11 13.46 5.98
N ARG B 10 -20.29 12.36 6.71
CA ARG B 10 -19.43 11.19 6.57
C ARG B 10 -20.03 10.28 5.51
N ILE B 11 -19.15 9.65 4.74
CA ILE B 11 -19.55 8.87 3.58
C ILE B 11 -18.78 7.57 3.57
N GLN B 12 -19.32 6.60 2.84
CA GLN B 12 -18.55 5.41 2.49
C GLN B 12 -18.85 5.05 1.05
N HIS B 13 -17.88 4.41 0.41
CA HIS B 13 -18.04 4.00 -0.98
C HIS B 13 -16.99 2.97 -1.33
N GLY B 14 -17.28 2.23 -2.38
CA GLY B 14 -16.29 1.38 -2.97
C GLY B 14 -15.40 2.12 -3.94
N TRP B 15 -14.24 1.54 -4.20
CA TRP B 15 -13.26 2.11 -5.11
C TRP B 15 -12.69 0.99 -5.96
N LYS B 16 -12.64 1.20 -7.27
CA LYS B 16 -12.13 0.18 -8.20
C LYS B 16 -11.31 0.87 -9.28
N GLU B 17 -10.03 0.51 -9.38
CA GLU B 17 -9.14 1.00 -10.43
C GLU B 17 -9.01 -0.07 -11.51
N GLY B 18 -9.31 0.31 -12.75
CA GLY B 18 -9.25 -0.65 -13.84
C GLY B 18 -10.19 -1.82 -13.57
N ASN B 19 -9.67 -3.04 -13.78
CA ASN B 19 -10.36 -4.26 -13.40
C ASN B 19 -9.83 -4.84 -12.10
N GLY B 20 -9.30 -3.99 -11.22
CA GLY B 20 -8.76 -4.45 -9.96
C GLY B 20 -9.84 -4.70 -8.94
N PRO B 21 -9.43 -5.15 -7.76
CA PRO B 21 -10.40 -5.43 -6.71
C PRO B 21 -11.07 -4.17 -6.19
N VAL B 22 -12.30 -4.33 -5.72
CA VAL B 22 -13.04 -3.23 -5.12
C VAL B 22 -12.64 -3.13 -3.65
N THR B 23 -12.24 -1.93 -3.23
CA THR B 23 -11.92 -1.67 -1.84
C THR B 23 -12.93 -0.70 -1.24
N GLN B 24 -13.20 -0.85 0.06
CA GLN B 24 -14.22 -0.10 0.76
C GLN B 24 -13.58 1.03 1.56
N TRP B 25 -14.22 2.19 1.57
CA TRP B 25 -13.64 3.39 2.16
C TRP B 25 -14.68 4.16 2.95
N LYS B 26 -14.25 4.72 4.08
CA LYS B 26 -15.07 5.59 4.90
C LYS B 26 -14.35 6.90 5.10
N GLY B 27 -15.08 8.00 5.03
CA GLY B 27 -14.43 9.30 5.11
C GLY B 27 -15.38 10.41 5.47
N THR B 28 -14.84 11.62 5.46
CA THR B 28 -15.58 12.83 5.81
C THR B 28 -15.41 13.84 4.68
N VAL B 29 -16.53 14.37 4.19
CA VAL B 29 -16.46 15.36 3.12
C VAL B 29 -16.15 16.71 3.71
N LEU B 30 -15.00 17.28 3.34
CA LEU B 30 -14.50 18.52 3.92
C LEU B 30 -14.96 19.78 3.19
N ASP B 31 -15.12 19.72 1.87
CA ASP B 31 -15.29 20.94 1.10
C ASP B 31 -15.86 20.60 -0.28
N GLN B 32 -16.62 21.55 -0.82
CA GLN B 32 -17.02 21.56 -2.22
C GLN B 32 -16.30 22.72 -2.88
N VAL B 33 -15.42 22.41 -3.84
CA VAL B 33 -14.51 23.41 -4.39
C VAL B 33 -15.32 24.46 -5.16
N PRO B 34 -15.30 25.73 -4.74
CA PRO B 34 -16.11 26.74 -5.44
C PRO B 34 -15.82 26.86 -6.93
N VAL B 35 -14.55 26.82 -7.35
CA VAL B 35 -14.25 26.95 -8.78
C VAL B 35 -14.51 25.68 -9.56
N ASN B 36 -14.80 24.57 -8.87
CA ASN B 36 -15.21 23.34 -9.54
C ASN B 36 -16.18 22.59 -8.62
N PRO B 37 -17.46 22.97 -8.65
CA PRO B 37 -18.44 22.37 -7.72
C PRO B 37 -18.59 20.87 -7.85
N SER B 38 -18.07 20.25 -8.90
CA SER B 38 -18.08 18.79 -8.98
C SER B 38 -16.97 18.18 -8.13
N LEU B 39 -15.96 18.96 -7.77
CA LEU B 39 -14.82 18.46 -7.02
C LEU B 39 -15.05 18.56 -5.52
N TYR B 40 -14.92 17.43 -4.82
CA TYR B 40 -15.08 17.37 -3.38
C TYR B 40 -13.75 17.01 -2.75
N LEU B 41 -13.44 17.62 -1.61
CA LEU B 41 -12.25 17.28 -0.83
C LEU B 41 -12.67 16.37 0.32
N ILE B 42 -11.92 15.28 0.50
CA ILE B 42 -12.32 14.18 1.37
C ILE B 42 -11.16 13.79 2.27
N LYS B 43 -11.47 13.49 3.53
CA LYS B 43 -10.51 12.96 4.50
C LYS B 43 -10.98 11.55 4.86
N TYR B 44 -10.20 10.55 4.45
CA TYR B 44 -10.56 9.16 4.72
C TYR B 44 -10.09 8.75 6.09
N ASP B 45 -10.92 7.97 6.79
CA ASP B 45 -10.59 7.55 8.14
C ASP B 45 -9.27 6.81 8.15
N GLY B 46 -8.31 7.32 8.92
CA GLY B 46 -7.05 6.65 9.10
C GLY B 46 -5.96 7.02 8.11
N PHE B 47 -6.26 7.91 7.17
CA PHE B 47 -5.30 8.34 6.15
C PHE B 47 -5.16 9.85 6.24
N ASP B 48 -3.92 10.32 6.12
CA ASP B 48 -3.57 11.67 6.51
C ASP B 48 -3.62 12.67 5.35
N CYS B 49 -3.62 12.23 4.11
CA CYS B 49 -3.70 13.16 3.00
C CYS B 49 -5.14 13.57 2.74
N VAL B 50 -5.31 14.78 2.20
CA VAL B 50 -6.60 15.24 1.69
C VAL B 50 -6.68 14.84 0.21
N TYR B 51 -7.81 14.24 -0.18
CA TYR B 51 -8.01 13.76 -1.53
C TYR B 51 -9.15 14.54 -2.17
N GLY B 52 -9.04 14.80 -3.47
CA GLY B 52 -10.08 15.42 -4.23
C GLY B 52 -10.68 14.41 -5.21
N LEU B 53 -12.01 14.33 -5.21
CA LEU B 53 -12.72 13.43 -6.10
C LEU B 53 -13.89 14.17 -6.72
N GLU B 54 -14.07 14.00 -8.02
CA GLU B 54 -15.24 14.52 -8.72
C GLU B 54 -16.33 13.46 -8.64
N LEU B 55 -17.06 13.49 -7.52
CA LEU B 55 -17.90 12.36 -7.14
C LEU B 55 -19.01 12.09 -8.15
N ASN B 56 -19.51 13.14 -8.80
CA ASN B 56 -20.65 12.97 -9.69
C ASN B 56 -20.28 12.27 -11.00
N LYS B 57 -18.99 12.10 -11.29
CA LYS B 57 -18.58 11.59 -12.60
C LYS B 57 -17.44 10.59 -12.55
N ASP B 58 -16.88 10.30 -11.38
CA ASP B 58 -15.75 9.38 -11.31
C ASP B 58 -16.30 7.95 -11.30
N GLU B 59 -16.09 7.21 -12.40
CA GLU B 59 -16.64 5.87 -12.50
C GLU B 59 -15.95 4.87 -11.58
N ARG B 60 -14.85 5.25 -10.94
CA ARG B 60 -14.18 4.38 -9.98
C ARG B 60 -14.92 4.30 -8.64
N VAL B 61 -15.79 5.25 -8.35
CA VAL B 61 -16.57 5.29 -7.12
C VAL B 61 -17.83 4.46 -7.32
N SER B 62 -18.14 3.59 -6.36
CA SER B 62 -19.35 2.79 -6.38
C SER B 62 -20.04 2.83 -5.02
N ALA B 63 -21.36 2.69 -5.04
CA ALA B 63 -22.15 2.51 -3.81
C ALA B 63 -21.93 3.65 -2.84
N LEU B 64 -21.99 4.87 -3.34
CA LEU B 64 -21.77 6.03 -2.49
C LEU B 64 -22.94 6.21 -1.54
N GLU B 65 -22.65 6.18 -0.24
CA GLU B 65 -23.69 6.26 0.80
C GLU B 65 -23.26 7.27 1.86
N VAL B 66 -24.26 7.96 2.40
CA VAL B 66 -24.10 8.85 3.54
C VAL B 66 -24.20 8.03 4.81
N LEU B 67 -23.27 8.27 5.74
CA LEU B 67 -23.29 7.53 6.99
C LEU B 67 -24.05 8.32 8.06
N PRO B 68 -24.80 7.63 8.92
CA PRO B 68 -25.60 8.36 9.93
C PRO B 68 -24.78 8.99 11.02
N ASP B 69 -23.54 8.54 11.22
CA ASP B 69 -22.69 9.16 12.22
C ASP B 69 -22.29 10.57 11.78
N ARG B 70 -22.50 11.54 12.65
CA ARG B 70 -22.08 12.90 12.37
C ARG B 70 -20.64 13.13 12.84
N VAL B 71 -20.04 14.20 12.35
CA VAL B 71 -18.65 14.53 12.65
C VAL B 71 -18.59 15.40 13.89
N ALA B 72 -17.56 15.19 14.72
CA ALA B 72 -17.35 16.00 15.91
C ALA B 72 -16.84 17.39 15.52
N LEU B 81 -6.32 28.14 22.37
CA LEU B 81 -6.41 28.26 20.91
C LEU B 81 -5.08 27.92 20.25
N ALA B 82 -5.12 27.58 18.96
CA ALA B 82 -3.94 27.21 18.20
C ALA B 82 -3.83 27.96 16.88
N ASP B 83 -4.58 29.06 16.73
CA ASP B 83 -4.54 29.81 15.47
C ASP B 83 -3.16 30.38 15.18
N THR B 84 -2.30 30.49 16.20
CA THR B 84 -0.96 31.04 15.98
C THR B 84 -0.05 30.09 15.20
N MET B 85 -0.44 28.83 15.02
CA MET B 85 0.38 27.91 14.23
C MET B 85 0.31 28.19 12.74
N ILE B 86 -0.76 28.82 12.27
CA ILE B 86 -0.98 28.94 10.84
C ILE B 86 0.14 29.74 10.20
N GLY B 87 0.77 29.15 9.19
CA GLY B 87 1.86 29.79 8.48
C GLY B 87 3.23 29.56 9.06
N LYS B 88 3.35 28.79 10.14
CA LYS B 88 4.63 28.54 10.78
C LYS B 88 5.34 27.37 10.11
N ALA B 89 6.63 27.53 9.88
CA ALA B 89 7.47 26.37 9.58
C ALA B 89 7.59 25.49 10.82
N VAL B 90 7.49 24.17 10.61
CA VAL B 90 7.44 23.23 11.72
C VAL B 90 8.30 22.01 11.39
N GLU B 91 8.62 21.26 12.44
CA GLU B 91 9.25 19.95 12.32
C GLU B 91 8.33 18.94 12.98
N HIS B 92 7.85 17.98 12.19
CA HIS B 92 6.76 17.09 12.58
C HIS B 92 7.29 15.67 12.73
N MET B 93 7.29 15.16 13.95
CA MET B 93 7.86 13.86 14.24
C MET B 93 6.83 12.75 14.05
N PHE B 94 7.33 11.54 13.80
CA PHE B 94 6.48 10.38 13.59
C PHE B 94 7.29 9.12 13.83
N GLU B 95 6.59 8.01 14.04
CA GLU B 95 7.20 6.74 14.39
C GLU B 95 7.62 5.95 13.15
N THR B 96 8.72 5.22 13.29
CA THR B 96 9.24 4.34 12.25
C THR B 96 9.23 2.90 12.76
N GLU B 97 9.46 1.96 11.84
CA GLU B 97 9.23 0.56 12.14
C GLU B 97 10.28 -0.06 13.07
N ASP B 98 11.34 0.66 13.42
CA ASP B 98 12.31 0.17 14.39
C ASP B 98 12.27 0.97 15.69
N GLY B 99 11.11 1.52 16.03
CA GLY B 99 10.87 2.13 17.32
C GLY B 99 11.28 3.59 17.43
N SER B 100 12.26 4.02 16.65
CA SER B 100 12.70 5.40 16.70
C SER B 100 11.78 6.30 15.88
N LYS B 101 11.89 7.60 16.12
CA LYS B 101 11.12 8.57 15.35
C LYS B 101 12.00 9.26 14.32
N ASP B 102 11.38 9.65 13.23
CA ASP B 102 11.95 10.51 12.21
C ASP B 102 11.10 11.78 12.15
N GLU B 103 11.47 12.71 11.30
CA GLU B 103 10.76 13.97 11.21
C GLU B 103 10.71 14.42 9.76
N TRP B 104 9.62 15.11 9.43
CA TRP B 104 9.51 15.86 8.19
C TRP B 104 9.35 17.34 8.54
N ARG B 105 10.03 18.20 7.79
CA ARG B 105 9.86 19.64 7.94
C ARG B 105 8.82 20.13 6.94
N GLY B 106 7.88 20.94 7.44
CA GLY B 106 6.78 21.43 6.63
C GLY B 106 6.29 22.81 7.05
N MET B 107 5.11 23.17 6.58
CA MET B 107 4.50 24.47 6.89
C MET B 107 3.03 24.25 7.18
N VAL B 108 2.53 24.88 8.24
CA VAL B 108 1.11 24.82 8.58
C VAL B 108 0.38 25.79 7.67
N LEU B 109 -0.61 25.27 6.95
CA LEU B 109 -1.26 26.04 5.89
C LEU B 109 -2.50 26.78 6.39
N ALA B 110 -3.35 26.09 7.14
CA ALA B 110 -4.62 26.65 7.57
C ALA B 110 -5.29 25.65 8.49
N ARG B 111 -6.37 26.09 9.13
CA ARG B 111 -7.24 25.16 9.84
C ARG B 111 -8.16 24.46 8.83
N ALA B 112 -8.38 23.17 9.06
CA ALA B 112 -9.24 22.40 8.18
C ALA B 112 -10.69 22.81 8.35
N PRO B 113 -11.52 22.72 7.27
CA PRO B 113 -12.83 23.38 7.26
C PRO B 113 -13.95 22.74 8.10
N VAL B 114 -14.10 21.42 8.09
CA VAL B 114 -15.23 20.77 8.74
C VAL B 114 -14.82 20.13 10.07
N MET B 115 -13.63 19.56 10.10
CA MET B 115 -13.12 18.87 11.28
C MET B 115 -12.27 19.90 12.05
N ASN B 116 -12.87 20.45 13.11
CA ASN B 116 -12.44 21.75 13.63
C ASN B 116 -11.02 21.69 14.21
N THR B 117 -10.67 20.61 14.90
CA THR B 117 -9.38 20.52 15.57
C THR B 117 -8.28 20.01 14.65
N TRP B 118 -8.47 20.05 13.34
CA TRP B 118 -7.49 19.56 12.40
C TRP B 118 -6.89 20.71 11.59
N PHE B 119 -5.69 20.48 11.08
CA PHE B 119 -4.93 21.51 10.36
C PHE B 119 -4.47 20.97 9.02
N TYR B 120 -4.58 21.81 7.99
CA TYR B 120 -3.90 21.58 6.72
C TYR B 120 -2.41 21.84 6.87
N ILE B 121 -1.60 20.93 6.36
CA ILE B 121 -0.14 21.05 6.44
C ILE B 121 0.44 20.36 5.21
N THR B 122 1.64 20.79 4.80
CA THR B 122 2.38 20.12 3.73
C THR B 122 3.86 20.15 4.06
N TYR B 123 4.64 19.37 3.29
CA TYR B 123 6.01 19.02 3.66
C TYR B 123 6.92 19.05 2.44
N GLU B 124 8.19 19.39 2.67
CA GLU B 124 9.12 19.41 1.54
C GLU B 124 9.28 18.03 0.92
N LYS B 125 9.24 16.97 1.74
CA LYS B 125 9.46 15.62 1.24
C LYS B 125 8.22 15.03 0.55
N ASP B 126 7.06 15.64 0.71
CA ASP B 126 5.84 15.21 0.02
C ASP B 126 4.90 16.40 -0.07
N PRO B 127 5.10 17.31 -1.06
CA PRO B 127 4.35 18.57 -1.12
C PRO B 127 2.91 18.41 -1.62
N VAL B 128 2.17 17.52 -0.98
CA VAL B 128 0.74 17.41 -1.18
C VAL B 128 0.04 17.82 0.10
N LEU B 129 -1.28 17.88 0.05
CA LEU B 129 -2.07 18.41 1.14
C LEU B 129 -2.28 17.33 2.19
N TYR B 130 -1.83 17.60 3.41
CA TYR B 130 -2.00 16.70 4.53
C TYR B 130 -2.90 17.34 5.56
N MET B 131 -3.36 16.51 6.50
CA MET B 131 -4.31 16.97 7.51
C MET B 131 -4.05 16.22 8.81
N TYR B 132 -3.74 16.94 9.89
CA TYR B 132 -3.40 16.32 11.17
C TYR B 132 -3.95 17.14 12.34
N GLN B 133 -4.09 16.47 13.48
CA GLN B 133 -4.43 17.13 14.74
C GLN B 133 -3.13 17.64 15.37
N LEU B 134 -2.70 18.81 14.92
CA LEU B 134 -1.38 19.30 15.27
C LEU B 134 -1.29 19.75 16.72
N LEU B 135 -2.40 20.18 17.32
CA LEU B 135 -2.36 20.63 18.71
C LEU B 135 -2.12 19.45 19.65
N ASP B 136 -2.74 18.30 19.34
CA ASP B 136 -2.44 17.08 20.09
C ASP B 136 -1.00 16.66 19.86
N ASP B 137 -0.54 16.70 18.60
CA ASP B 137 0.86 16.37 18.33
C ASP B 137 1.80 17.30 19.06
N TYR B 138 1.45 18.59 19.13
CA TYR B 138 2.27 19.54 19.88
C TYR B 138 2.33 19.17 21.36
N LYS B 139 1.18 18.85 21.95
CA LYS B 139 1.14 18.54 23.38
C LYS B 139 1.94 17.28 23.71
N GLU B 140 2.10 16.37 22.74
CA GLU B 140 2.86 15.16 22.95
C GLU B 140 4.33 15.31 22.65
N GLY B 141 4.78 16.53 22.34
CA GLY B 141 6.17 16.75 22.00
C GLY B 141 6.58 16.30 20.61
N ASP B 142 5.63 16.15 19.69
CA ASP B 142 5.94 15.67 18.34
C ASP B 142 5.87 16.77 17.28
N LEU B 143 5.79 18.03 17.69
CA LEU B 143 5.71 19.13 16.74
C LEU B 143 6.55 20.27 17.30
N ARG B 144 7.65 20.58 16.61
CA ARG B 144 8.48 21.71 16.97
C ARG B 144 8.16 22.88 16.04
N ILE B 145 7.85 24.03 16.64
CA ILE B 145 7.59 25.24 15.88
C ILE B 145 8.92 25.94 15.65
N MET B 146 9.19 26.30 14.39
CA MET B 146 10.44 27.00 14.12
C MET B 146 10.28 28.50 14.39
N PRO B 147 11.37 29.20 14.71
CA PRO B 147 11.27 30.65 14.86
C PRO B 147 11.04 31.35 13.52
N ASP B 148 10.24 32.42 13.53
CA ASP B 148 9.94 33.14 12.30
N SER B 165 -7.04 37.02 -9.30
CA SER B 165 -6.41 35.90 -8.59
C SER B 165 -6.20 34.71 -9.52
N LEU B 166 -5.20 33.88 -9.22
CA LEU B 166 -4.94 32.68 -10.01
C LEU B 166 -5.92 31.56 -9.70
N VAL B 167 -6.67 31.65 -8.61
CA VAL B 167 -7.62 30.59 -8.28
C VAL B 167 -8.61 30.45 -9.42
N GLY B 168 -8.80 29.21 -9.86
CA GLY B 168 -9.72 28.92 -10.96
C GLY B 168 -9.06 28.91 -12.32
N LYS B 169 -7.80 29.32 -12.43
CA LYS B 169 -7.14 29.27 -13.72
C LYS B 169 -6.62 27.86 -13.98
N GLN B 170 -6.51 27.53 -15.27
CA GLN B 170 -5.97 26.26 -15.70
C GLN B 170 -4.45 26.30 -15.61
N VAL B 171 -3.87 25.14 -15.32
CA VAL B 171 -2.42 25.01 -15.15
C VAL B 171 -1.94 23.83 -15.98
N GLU B 172 -0.71 23.92 -16.47
CA GLU B 172 -0.04 22.77 -17.03
C GLU B 172 1.43 22.80 -16.63
N TYR B 173 2.06 21.64 -16.67
CA TYR B 173 3.51 21.56 -16.75
C TYR B 173 3.89 20.35 -17.59
N ALA B 174 5.10 20.39 -18.15
CA ALA B 174 5.58 19.33 -19.02
C ALA B 174 6.11 18.16 -18.21
N LYS B 175 5.67 16.96 -18.55
CA LYS B 175 6.16 15.75 -17.90
C LYS B 175 7.33 15.17 -18.69
N GLU B 176 7.28 15.33 -20.01
CA GLU B 176 8.33 14.82 -20.89
CA GLY B 178 6.77 16.05 -23.65
C GLY B 178 5.36 15.65 -23.28
N SER B 179 5.19 15.20 -22.03
CA SER B 179 3.89 14.77 -21.52
C SER B 179 3.27 15.95 -20.76
N LYS B 180 2.16 16.47 -21.29
CA LYS B 180 1.54 17.69 -20.80
C LYS B 180 0.55 17.35 -19.69
N ARG B 181 0.91 17.68 -18.44
CA ARG B 181 0.05 17.42 -17.29
C ARG B 181 -0.79 18.65 -16.98
N THR B 182 -2.11 18.47 -16.93
CA THR B 182 -3.04 19.59 -16.85
C THR B 182 -3.85 19.53 -15.56
N GLY B 183 -4.23 20.70 -15.07
CA GLY B 183 -5.04 20.77 -13.87
C GLY B 183 -5.61 22.16 -13.69
N MET B 184 -5.99 22.46 -12.45
CA MET B 184 -6.63 23.72 -12.10
C MET B 184 -6.18 24.17 -10.72
N VAL B 185 -6.03 25.48 -10.55
CA VAL B 185 -5.75 26.08 -9.25
C VAL B 185 -7.06 26.20 -8.48
N ILE B 186 -7.13 25.57 -7.31
CA ILE B 186 -8.39 25.52 -6.58
C ILE B 186 -8.41 26.35 -5.31
N HIS B 187 -7.26 26.76 -4.77
N HIS B 187 -7.25 26.75 -4.77
CA HIS B 187 -7.25 27.54 -3.54
CA HIS B 187 -7.24 27.52 -3.54
C HIS B 187 -5.96 28.33 -3.44
C HIS B 187 -5.96 28.34 -3.46
N GLN B 188 -6.04 29.47 -2.76
CA GLN B 188 -4.89 30.28 -2.39
C GLN B 188 -4.76 30.29 -0.87
N VAL B 189 -3.55 30.17 -0.36
CA VAL B 189 -3.34 30.12 1.08
C VAL B 189 -3.33 31.54 1.62
N GLU B 190 -4.33 31.88 2.43
CA GLU B 190 -4.44 33.21 3.00
C GLU B 190 -3.17 33.63 3.73
N ALA B 191 -2.57 32.70 4.48
CA ALA B 191 -1.42 33.04 5.31
C ALA B 191 -0.15 33.23 4.50
N LYS B 192 -0.06 32.65 3.31
CA LYS B 192 1.12 32.74 2.45
C LYS B 192 0.65 32.82 1.02
N PRO B 193 0.32 34.02 0.54
CA PRO B 193 -0.47 34.12 -0.71
C PRO B 193 0.23 33.64 -1.97
N SER B 194 1.56 33.48 -1.96
CA SER B 194 2.21 32.88 -3.11
C SER B 194 2.05 31.37 -3.15
N VAL B 195 1.35 30.79 -2.17
CA VAL B 195 1.14 29.34 -2.07
C VAL B 195 -0.27 29.02 -2.53
N TYR B 196 -0.39 28.02 -3.41
CA TYR B 196 -1.66 27.63 -4.02
C TYR B 196 -1.83 26.12 -3.93
N PHE B 197 -3.09 25.67 -3.96
CA PHE B 197 -3.40 24.25 -4.13
C PHE B 197 -3.80 23.99 -5.57
N ILE B 198 -3.33 22.87 -6.13
CA ILE B 198 -3.65 22.50 -7.51
C ILE B 198 -4.19 21.07 -7.55
N LYS B 199 -5.27 20.88 -8.28
CA LYS B 199 -5.82 19.55 -8.58
C LYS B 199 -5.51 19.24 -10.03
N PHE B 200 -4.64 18.25 -10.27
CA PHE B 200 -4.38 17.79 -11.62
C PHE B 200 -5.42 16.75 -12.03
N ASP B 201 -5.75 16.77 -13.32
CA ASP B 201 -6.80 15.92 -13.87
C ASP B 201 -6.51 14.43 -13.67
N ASP B 202 -5.24 14.06 -13.50
CA ASP B 202 -4.87 12.66 -13.57
C ASP B 202 -4.56 12.05 -12.20
N ASP B 203 -4.88 12.74 -11.11
CA ASP B 203 -4.56 12.20 -9.78
C ASP B 203 -5.45 12.83 -8.72
N PHE B 204 -5.65 12.09 -7.62
CA PHE B 204 -6.58 12.51 -6.58
C PHE B 204 -5.91 13.18 -5.38
N HIS B 205 -4.60 13.39 -5.41
CA HIS B 205 -3.97 14.21 -4.38
C HIS B 205 -4.19 15.69 -4.70
N ILE B 206 -4.08 16.53 -3.67
CA ILE B 206 -4.04 17.98 -3.81
C ILE B 206 -2.59 18.44 -3.66
N TYR B 207 -2.05 19.03 -4.72
CA TYR B 207 -0.66 19.44 -4.76
C TYR B 207 -0.51 20.87 -4.26
N VAL B 208 0.56 21.13 -3.50
CA VAL B 208 0.80 22.45 -2.94
C VAL B 208 2.10 22.98 -3.52
N TYR B 209 2.09 24.26 -3.92
CA TYR B 209 3.22 24.89 -4.58
C TYR B 209 3.39 26.31 -4.06
N ASP B 210 4.64 26.71 -3.85
CA ASP B 210 5.02 28.10 -3.61
C ASP B 210 5.57 28.63 -4.93
N LEU B 211 4.80 29.46 -5.62
CA LEU B 211 5.07 29.83 -7.00
C LEU B 211 6.39 30.55 -7.21
N VAL B 212 7.07 31.01 -6.15
CA VAL B 212 8.37 31.64 -6.35
C VAL B 212 9.51 30.64 -6.24
N LYS B 213 9.24 29.39 -5.89
CA LYS B 213 10.27 28.40 -5.64
C LYS B 213 10.51 27.51 -6.86
N THR B 214 11.61 26.75 -6.78
CA THR B 214 12.02 25.88 -7.88
C THR B 214 10.98 24.81 -8.18
N SER B 215 10.35 24.27 -7.13
CA SER B 215 9.36 23.22 -7.32
C SER B 215 8.22 23.64 -8.25
N ALA B 216 8.01 24.95 -8.45
CA ALA B 216 6.93 25.44 -9.28
C ALA B 216 7.41 26.05 -10.60
N GLU B 217 8.70 25.95 -10.90
CA GLU B 217 9.24 26.69 -12.05
C GLU B 217 8.77 26.15 -13.39
N ASN B 218 8.08 25.01 -13.42
CA ASN B 218 7.56 24.44 -14.67
C ASN B 218 6.04 24.55 -14.77
N LEU B 219 5.41 25.32 -13.88
CA LEU B 219 3.98 25.52 -13.93
C LEU B 219 3.69 26.76 -14.76
N TYR B 220 2.75 26.63 -15.69
CA TYR B 220 2.29 27.73 -16.52
C TYR B 220 0.78 27.78 -16.43
N PHE B 221 0.22 28.98 -16.54
CA PHE B 221 -1.17 29.25 -16.21
C PHE B 221 -1.89 29.87 -17.39
N GLN B 222 -3.21 29.66 -17.42
CA GLN B 222 -4.06 30.21 -18.46
C GLN B 222 -5.39 30.65 -17.87
N1 H7T C . 10.83 -19.04 12.93
N3 H7T C . -2.53 -25.09 8.95
C4 H7T C . 9.97 -20.12 12.71
C5 H7T C . 10.23 -21.25 11.96
C6 H7T C . 9.24 -22.21 11.84
C7 H7T C . 10.39 -23.38 10.11
C8 H7T C . 10.14 -24.56 9.22
C10 H7T C . 7.76 -25.86 10.31
C13 H7T C . 4.55 -27.82 11.08
C15 H7T C . 1.38 -26.74 9.63
C17 H7T C . -1.10 -26.63 9.40
C20 H7T C . -3.85 -23.74 7.38
C21 H7T C . -5.17 -22.44 5.76
C22 H7T C . -4.67 -21.17 5.11
C24 H7T C . -4.42 -18.66 5.34
C26 H7T C . -6.83 -17.06 4.62
C28 H7T C . -7.30 -16.42 2.52
N H7T C . 10.73 -17.07 14.14
C H7T C . 8.55 -18.73 15.54
O H7T C . 9.40 -23.37 11.14
C1 H7T C . 8.77 -18.58 14.03
C11 H7T C . 6.36 -26.38 10.42
C12 H7T C . 5.89 -27.48 11.13
C14 H7T C . 3.67 -27.06 10.33
C16 H7T C . 0.07 -27.45 9.84
C18 H7T C . -1.31 -25.28 9.47
C19 H7T C . -3.26 -23.85 8.78
C2 H7T C . 7.71 -17.65 13.39
C23 H7T C . -4.93 -19.95 5.98
C25 H7T C . -4.95 -18.40 3.94
C27 H7T C . -7.88 -16.37 3.79
C29 H7T C . -6.81 -17.84 2.42
C3 H7T C . 10.18 -18.17 13.67
C30 H7T C . -4.29 -20.18 7.36
C31 H7T C . -4.77 -21.49 7.98
C32 H7T C . 4.13 -25.96 9.62
C33 H7T C . 5.47 -25.62 9.66
C34 H7T C . 6.19 -24.48 9.00
C35 H7T C . 7.99 -22.02 12.47
C36 H7T C . 5.71 -22.89 12.68
C37 H7T C . 5.61 -23.66 13.97
C38 H7T C . 4.47 -24.61 14.13
C39 H7T C . 5.86 -25.13 13.96
C40 H7T C . 7.75 -20.90 13.25
C41 H7T C . 8.75 -19.94 13.35
C9 H7T C . 8.77 -24.49 8.54
N2 H7T C . 7.63 -24.65 9.45
N4 H7T C . -4.55 -22.63 7.08
N5 H7T C . -6.40 -18.19 3.79
N6 H7T C . -3.07 -26.26 8.56
N7 H7T C . -2.20 -27.20 8.85
O1 H7T C . 2.37 -27.48 10.38
O2 H7T C . -3.66 -24.62 6.55
O3 H7T C . 7.06 -23.00 12.20
H8 H7T C . 11.19 -21.38 11.47
H10 H7T C . 11.33 -23.42 10.65
H9 H7T C . 10.37 -22.46 9.52
H12 H7T C . 10.27 -25.52 9.73
H11 H7T C . 10.89 -24.55 8.44
H16 H7T C . 8.40 -26.65 9.91
H15 H7T C . 8.22 -25.59 11.26
H18 H7T C . 4.19 -28.69 11.65
H20 H7T C . 1.70 -26.72 8.59
H19 H7T C . 1.30 -25.72 9.98
H26 H7T C . -6.25 -22.46 5.88
H27 H7T C . -4.96 -23.27 5.09
H28 H7T C . -5.15 -21.05 4.13
H29 H7T C . -3.62 -21.28 4.89
H32 H7T C . -3.33 -18.64 5.33
H31 H7T C . -4.66 -17.82 5.98
H35 H7T C . -5.98 -16.41 4.81
H36 H7T C . -7.20 -17.33 5.61
H39 H7T C . -6.48 -15.71 2.43
H40 H7T C . -8.01 -16.12 1.75
H7 H7T C . 11.68 -16.79 13.91
H6 H7T C . 10.21 -16.45 14.75
H1 H7T C . 9.24 -19.41 16.01
H2 H7T C . 7.55 -19.14 15.74
H H7T C . 8.60 -17.77 16.05
H17 H7T C . 6.58 -28.07 11.72
H22 H7T C . -0.06 -27.70 10.89
H21 H7T C . 0.03 -28.42 9.33
H23 H7T C . -0.67 -24.49 9.85
H25 H7T C . -2.56 -23.02 8.90
H24 H7T C . -3.99 -23.74 9.58
H4 H7T C . 7.75 -16.70 13.92
H3 H7T C . 6.71 -18.06 13.56
H5 H7T C . 7.85 -17.47 12.34
H30 H7T C . -6.00 -19.85 6.13
H33 H7T C . -4.62 -19.22 3.30
H34 H7T C . -4.47 -17.49 3.55
H38 H7T C . -8.14 -15.38 4.14
H37 H7T C . -8.82 -16.93 3.84
H41 H7T C . -7.56 -18.52 1.99
H42 H7T C . -5.93 -17.90 1.77
H43 H7T C . -3.21 -20.25 7.24
H44 H7T C . -4.43 -19.32 8.01
H45 H7T C . -4.26 -21.57 8.94
H46 H7T C . -5.83 -21.44 8.23
H47 H7T C . 3.49 -25.34 9.00
H49 H7T C . 6.02 -24.46 7.93
H48 H7T C . 5.89 -23.53 9.42
H51 H7T C . 5.57 -21.84 12.92
H50 H7T C . 4.95 -23.16 11.94
H52 H7T C . 5.98 -23.11 14.83
H53 H7T C . 4.04 -24.71 15.13
H54 H7T C . 3.70 -24.74 13.38
H55 H7T C . 6.40 -25.60 14.78
H56 H7T C . 6.14 -25.68 13.06
H57 H7T C . 6.80 -20.77 13.76
H13 H7T C . 8.76 -25.18 7.70
H14 H7T C . 8.64 -23.52 8.08
S DMS D . 1.52 -9.35 -19.69
O DMS D . 0.18 -9.36 -19.04
C1 DMS D . 1.50 -10.40 -21.16
C2 DMS D . 1.83 -7.72 -20.45
H11 DMS D . 1.35 -11.41 -20.87
H12 DMS D . 2.44 -10.32 -21.67
H13 DMS D . 0.73 -10.10 -21.81
H21 DMS D . 2.74 -7.75 -20.98
H22 DMS D . 1.04 -7.49 -21.11
H23 DMS D . 1.88 -6.99 -19.69
S DMS E . 1.10 -21.17 7.57
O DMS E . 0.54 -20.01 6.81
C1 DMS E . 1.13 -20.84 9.35
C2 DMS E . -0.13 -22.50 7.57
H11 DMS E . 1.81 -20.04 9.56
H12 DMS E . 1.46 -21.71 9.87
H13 DMS E . 0.17 -20.57 9.69
H21 DMS E . -0.29 -22.83 6.58
H22 DMS E . -1.05 -22.13 7.96
H23 DMS E . 0.21 -23.30 8.17
S DMS F . 20.23 -29.92 -6.01
O DMS F . 19.47 -31.10 -5.51
C1 DMS F . 19.97 -28.51 -4.90
C2 DMS F . 22.01 -30.20 -5.75
H11 DMS F . 18.95 -28.21 -4.95
H12 DMS F . 20.59 -27.70 -5.20
H13 DMS F . 20.21 -28.80 -3.91
H21 DMS F . 22.33 -31.02 -6.34
H22 DMS F . 22.18 -30.42 -4.73
H23 DMS F . 22.54 -29.33 -6.02
S DMS G . -10.34 -21.31 6.50
O DMS G . -11.33 -22.41 6.23
C1 DMS G . -11.13 -20.05 7.54
C2 DMS G . -9.06 -21.90 7.64
H11 DMS G . -11.92 -19.58 6.99
H12 DMS G . -10.42 -19.32 7.80
H13 DMS G . -11.52 -20.49 8.41
H21 DMS G . -8.50 -22.67 7.18
H22 DMS G . -9.52 -22.28 8.52
H23 DMS G . -8.42 -21.11 7.90
N GLY H . 13.37 -28.90 -1.90
CA GLY H . 13.76 -27.68 -2.56
C GLY H . 13.25 -27.63 -3.99
O GLY H . 12.96 -28.67 -4.58
OXT GLY H . 13.12 -26.55 -4.59
H GLY H . 13.76 -29.60 -2.19
HA2 GLY H . 13.40 -26.91 -2.08
HA3 GLY H . 14.72 -27.60 -2.58
P PO4 I . -18.01 29.58 -10.56
O1 PO4 I . -17.08 30.21 -9.55
O2 PO4 I . -19.43 29.69 -10.06
O3 PO4 I . -17.65 28.12 -10.75
O4 PO4 I . -17.87 30.30 -11.89
N1 H7T J . 0.60 12.50 14.01
N3 H7T J . 0.74 5.16 0.58
C4 H7T J . 1.23 11.91 12.92
C5 H7T J . 2.25 12.46 12.15
C6 H7T J . 2.70 11.75 11.04
C7 H7T J . 3.95 13.59 10.16
C8 H7T J . 4.75 13.85 8.91
C10 H7T J . 5.36 11.28 7.63
C13 H7T J . 6.01 8.05 5.64
C15 H7T J . 3.65 7.11 3.01
C17 H7T J . 2.72 5.76 1.16
C20 H7T J . -1.35 5.34 -0.70
C21 H7T J . -3.38 5.53 -2.03
C22 H7T J . -4.51 6.45 -1.60
C24 H7T J . -6.54 6.73 -0.14
C26 H7T J . -9.21 6.09 -1.47
C28 H7T J . -10.21 7.16 -3.19
N H7T J . -1.06 11.84 15.50
C H7T J . 0.09 9.13 14.51
O H7T J . 3.64 12.20 10.17
C1 H7T J . -0.34 10.33 13.66
C11 H7T J . 5.30 10.07 6.73
C12 H7T J . 6.20 9.04 6.59
C14 H7T J . 4.87 8.10 4.82
C16 H7T J . 3.96 6.15 1.88
C18 H7T J . 1.48 5.47 1.65
C19 H7T J . -0.65 4.75 0.52
C2 H7T J . -1.73 10.10 13.03
C23 H7T J . -5.47 5.77 -0.64
C25 H7T J . -7.26 7.51 -1.23
C27 H7T J . -10.22 5.88 -2.56
C29 H7T J . -8.75 7.63 -3.16
C3 H7T J . -0.28 11.63 14.44
C30 H7T J . -4.68 5.15 0.51
C31 H7T J . -3.53 4.27 0.04
C32 H7T J . 3.95 9.12 4.97
C33 H7T J . 4.15 10.10 5.93
C34 H7T J . 3.29 11.28 6.28
C35 H7T J . 2.15 10.49 10.73
C36 H7T J . 2.22 8.61 9.19
C37 H7T J . 2.90 7.58 10.05
C38 H7T J . 4.39 7.40 9.92
C39 H7T J . 3.47 6.36 9.39
C40 H7T J . 1.15 9.94 11.52
C41 H7T J . 0.70 10.66 12.61
C9 H7T J . 4.02 13.36 7.67
N2 H7T J . 4.01 11.91 7.47
N4 H7T J . -2.65 5.03 -0.88
N5 H7T J . -8.11 6.77 -2.17
N6 H7T J . 1.47 5.26 -0.55
N7 H7T J . 2.68 5.62 -0.19
O1 H7T J . 4.79 7.10 3.89
O2 H7T J . -0.75 6.08 -1.47
O3 H7T J . 2.68 9.91 9.61
H8 H7T J . 2.69 13.42 12.42
H10 H7T J . 2.98 14.09 10.20
H9 H7T J . 4.53 13.89 11.03
H12 H7T J . 5.76 13.44 8.96
H11 H7T J . 4.88 14.92 8.82
H16 H7T J . 6.20 11.89 7.31
H15 H7T J . 5.55 11.06 8.67
H18 H7T J . 6.72 7.24 5.53
H20 H7T J . 3.48 8.12 2.66
H19 H7T J . 2.76 6.76 3.52
H26 H7T J . -2.69 6.00 -2.72
H27 H7T J . -3.84 4.72 -2.62
H28 H7T J . -4.08 7.35 -1.14
H29 H7T J . -5.02 6.81 -2.48
H32 H7T J . -6.14 7.42 0.60
H31 H7T J . -7.27 6.17 0.44
H35 H7T J . -8.85 5.15 -1.07
H36 H7T J . -9.62 6.62 -0.62
H39 H7T J . -10.85 7.87 -2.66
H40 H7T J . -10.64 7.11 -4.19
H7 H7T J . -1.73 11.14 15.82
H6 H7T J . -1.00 12.71 16.01
H1 H7T J . -0.61 8.88 15.30
H2 H7T J . 0.16 8.23 13.88
H H7T J . 1.07 9.28 14.96
H17 H7T J . 7.07 9.00 7.23
H22 H7T J . 4.64 6.63 1.16
H21 H7T J . 4.50 5.26 2.20
H23 H7T J . 1.11 5.47 2.68
H25 H7T J . -1.16 5.14 1.40
H24 H7T J . -0.72 3.67 0.61
H4 H7T J . -2.44 9.88 13.82
H3 H7T J . -1.70 9.23 12.38
H5 H7T J . -2.10 10.95 12.47
H30 H7T J . -5.96 4.95 -1.17
H33 H7T J . -7.83 8.29 -0.74
H34 H7T J . -6.51 8.02 -1.83
H38 H7T J . -11.20 5.57 -2.20
H37 H7T J . -9.91 5.09 -3.22
H41 H7T J . -8.30 7.61 -4.15
H42 H7T J . -8.70 8.66 -2.82
H43 H7T J . -5.34 4.52 1.11
H44 H7T J . -4.36 5.91 1.23
H45 H7T J . -3.97 3.39 -0.41
H46 H7T J . -2.93 3.91 0.87
H47 H7T J . 3.04 9.20 4.37
H49 H7T J . 2.24 11.01 6.43
H48 H7T J . 3.34 12.05 5.51
H51 H7T J . 2.57 8.48 8.17
H50 H7T J . 1.14 8.52 9.17
H52 H7T J . 2.43 7.45 11.02
H53 H7T J . 4.90 8.01 9.18
H54 H7T J . 5.04 7.23 10.77
H55 H7T J . 3.31 6.21 8.32
H56 H7T J . 3.40 5.37 9.83
H57 H7T J . 0.73 8.96 11.28
H13 H7T J . 4.41 13.91 6.81
H14 H7T J . 2.97 13.66 7.71
S DMS K . -1.62 8.96 3.55
O DMS K . -2.97 9.53 3.17
C1 DMS K . -1.75 8.01 5.09
C2 DMS K . -1.33 7.58 2.42
H11 DMS K . -2.01 8.65 5.89
H12 DMS K . -0.82 7.55 5.29
H13 DMS K . -2.49 7.26 4.98
H21 DMS K . -1.24 7.95 1.43
H22 DMS K . -2.13 6.90 2.47
H23 DMS K . -0.44 7.09 2.69
N GLY L . 6.45 24.96 -0.11
CA GLY L . 6.00 24.40 1.15
C GLY L . 7.12 23.73 1.94
O GLY L . 6.91 23.22 3.03
OXT GLY L . 8.26 23.71 1.48
H GLY L . 5.84 24.99 -0.71
HA2 GLY L . 5.63 25.11 1.70
HA3 GLY L . 5.31 23.74 0.99
#